data_3KOV
#
_entry.id   3KOV
#
_cell.length_a   77.801
_cell.length_b   77.960
_cell.length_c   106.794
_cell.angle_alpha   90.00
_cell.angle_beta   90.00
_cell.angle_gamma   90.00
#
_symmetry.space_group_name_H-M   'P 21 21 2'
#
loop_
_entity.id
_entity.type
_entity.pdbx_description
1 polymer 'Myocyte-specific enhancer factor 2A'
2 polymer "DNA (5'-D(*AP*AP*CP*TP*AP*TP*TP*TP*AP*TP*AP*AP*G)-3')"
3 polymer "DNA (5'-D(*TP*CP*TP*TP*AP*TP*AP*AP*AP*TP*AP*GP*T)-3')"
#
loop_
_entity_poly.entity_id
_entity_poly.type
_entity_poly.pdbx_seq_one_letter_code
_entity_poly.pdbx_strand_id
1 'polypeptide(L)'
;GRKKIQITRIMDERNRQVTFTKRKFGLMKKAYELSVLCDCEIALIIFNSSNKLFQYASTDMDKVLLKYTEYNEPHESRTN
SDIVEALNKK
;
A,B,I,J
2 'polydeoxyribonucleotide' (DA)(DA)(DC)(DT)(DA)(DT)(DT)(DT)(DA)(DT)(DA)(DA)(DG) C,K
3 'polydeoxyribonucleotide' (DT)(DC)(DT)(DT)(DA)(DT)(DA)(DA)(DA)(DT)(DA)(DG)(DT) D,L
#
loop_
_chem_comp.id
_chem_comp.type
_chem_comp.name
_chem_comp.formula
DA DNA linking 2'-DEOXYADENOSINE-5'-MONOPHOSPHATE 'C10 H14 N5 O6 P'
DC DNA linking 2'-DEOXYCYTIDINE-5'-MONOPHOSPHATE 'C9 H14 N3 O7 P'
DG DNA linking 2'-DEOXYGUANOSINE-5'-MONOPHOSPHATE 'C10 H14 N5 O7 P'
DT DNA linking THYMIDINE-5'-MONOPHOSPHATE 'C10 H15 N2 O8 P'
#
# COMPACT_ATOMS: atom_id res chain seq x y z
N GLY A 1 43.39 -21.67 13.12
CA GLY A 1 44.69 -21.18 13.59
C GLY A 1 45.64 -22.32 13.90
N ARG A 2 46.75 -22.01 14.55
CA ARG A 2 47.73 -23.04 14.88
C ARG A 2 47.08 -24.25 15.53
N LYS A 3 46.20 -24.00 16.50
CA LYS A 3 45.43 -25.08 17.12
C LYS A 3 43.93 -24.93 16.85
N LYS A 4 43.24 -26.06 16.75
CA LYS A 4 41.79 -26.05 16.74
C LYS A 4 41.31 -25.85 18.18
N ILE A 5 40.13 -25.25 18.33
CA ILE A 5 39.61 -24.97 19.67
C ILE A 5 38.16 -25.38 19.84
N GLN A 6 37.84 -25.79 21.06
CA GLN A 6 36.48 -26.15 21.44
C GLN A 6 35.71 -24.91 21.89
N ILE A 7 34.55 -24.70 21.28
CA ILE A 7 33.71 -23.57 21.62
C ILE A 7 33.45 -23.87 23.10
N THR A 8 33.96 -23.00 23.97
CA THR A 8 33.59 -22.93 25.38
C THR A 8 34.27 -21.73 26.03
N ARG A 9 33.65 -21.21 27.09
CA ARG A 9 34.18 -20.01 27.71
C ARG A 9 35.68 -20.11 27.93
N ILE A 10 36.44 -19.22 27.28
CA ILE A 10 37.86 -19.06 27.57
C ILE A 10 38.00 -18.70 29.04
N MET A 11 38.58 -19.60 29.82
CA MET A 11 38.69 -19.36 31.26
C MET A 11 39.75 -18.30 31.54
N ASP A 12 40.74 -18.22 30.65
CA ASP A 12 41.82 -17.24 30.78
C ASP A 12 41.36 -15.81 30.49
N GLU A 13 41.09 -15.06 31.56
CA GLU A 13 40.59 -13.68 31.45
C GLU A 13 41.28 -12.85 30.36
N ARG A 14 42.46 -13.25 29.96
CA ARG A 14 43.22 -12.45 29.00
C ARG A 14 42.99 -12.92 27.58
N ASN A 15 43.20 -14.21 27.31
CA ASN A 15 42.99 -14.72 25.96
C ASN A 15 41.54 -14.52 25.55
N ARG A 16 40.66 -14.57 26.55
CA ARG A 16 39.26 -14.24 26.33
C ARG A 16 39.15 -12.83 25.79
N GLN A 17 39.67 -11.88 26.56
CA GLN A 17 39.59 -10.46 26.21
C GLN A 17 40.19 -10.22 24.84
N VAL A 18 41.26 -10.94 24.53
CA VAL A 18 41.93 -10.79 23.25
C VAL A 18 41.10 -11.38 22.13
N THR A 19 40.71 -12.63 22.29
CA THR A 19 39.92 -13.31 21.27
C THR A 19 38.64 -12.52 20.97
N PHE A 20 38.02 -12.00 22.03
CA PHE A 20 36.81 -11.20 21.87
C PHE A 20 37.06 -10.10 20.86
N THR A 21 38.12 -9.33 21.10
CA THR A 21 38.43 -8.17 20.29
C THR A 21 38.66 -8.55 18.84
N LYS A 22 39.42 -9.61 18.63
CA LYS A 22 39.74 -10.11 17.29
C LYS A 22 38.50 -10.56 16.52
N ARG A 23 37.77 -11.51 17.11
CA ARG A 23 36.64 -12.11 16.43
C ARG A 23 35.53 -11.09 16.22
N LYS A 24 35.32 -10.23 17.22
CA LYS A 24 34.31 -9.20 17.09
C LYS A 24 34.48 -8.46 15.77
N PHE A 25 35.73 -8.16 15.42
CA PHE A 25 35.96 -7.44 14.19
C PHE A 25 35.61 -8.33 13.01
N GLY A 26 36.00 -9.60 13.10
CA GLY A 26 35.73 -10.56 12.03
C GLY A 26 34.23 -10.58 11.80
N LEU A 27 33.50 -10.70 12.90
CA LEU A 27 32.06 -10.69 12.86
C LEU A 27 31.55 -9.48 12.12
N MET A 28 32.03 -8.31 12.50
CA MET A 28 31.53 -7.11 11.87
C MET A 28 31.92 -7.10 10.41
N LYS A 29 33.12 -7.56 10.10
CA LYS A 29 33.57 -7.56 8.72
C LYS A 29 32.59 -8.35 7.88
N LYS A 30 32.43 -9.61 8.24
CA LYS A 30 31.44 -10.46 7.60
C LYS A 30 30.14 -9.69 7.42
N ALA A 31 29.54 -9.28 8.53
CA ALA A 31 28.27 -8.59 8.50
C ALA A 31 28.34 -7.53 7.43
N TYR A 32 29.48 -6.86 7.40
CA TYR A 32 29.66 -5.77 6.49
C TYR A 32 29.47 -6.30 5.08
N GLU A 33 30.28 -7.29 4.73
CA GLU A 33 30.26 -7.91 3.41
C GLU A 33 28.88 -8.45 3.03
N LEU A 34 28.29 -9.23 3.92
CA LEU A 34 26.94 -9.72 3.68
C LEU A 34 26.01 -8.55 3.37
N SER A 35 25.98 -7.58 4.25
CA SER A 35 25.15 -6.41 4.04
C SER A 35 25.26 -5.89 2.60
N VAL A 36 26.48 -5.91 2.07
CA VAL A 36 26.81 -5.24 0.82
C VAL A 36 26.53 -6.13 -0.38
N LEU A 37 27.13 -7.32 -0.34
CA LEU A 37 26.95 -8.32 -1.38
C LEU A 37 25.49 -8.49 -1.73
N CYS A 38 24.63 -8.51 -0.72
CA CYS A 38 23.26 -8.96 -0.92
C CYS A 38 22.22 -7.86 -0.72
N ASP A 39 22.67 -6.63 -0.57
CA ASP A 39 21.76 -5.51 -0.47
C ASP A 39 20.79 -5.67 0.71
N CYS A 40 21.30 -6.18 1.82
CA CYS A 40 20.46 -6.30 3.01
C CYS A 40 20.92 -5.37 4.13
N GLU A 41 19.99 -5.04 5.01
CA GLU A 41 20.26 -4.20 6.15
C GLU A 41 20.54 -5.06 7.39
N ILE A 42 21.65 -4.79 8.07
CA ILE A 42 22.05 -5.61 9.22
C ILE A 42 22.33 -4.80 10.48
N ALA A 43 21.92 -5.34 11.63
CA ALA A 43 22.16 -4.69 12.90
C ALA A 43 22.73 -5.72 13.84
N LEU A 44 23.83 -5.39 14.48
CA LEU A 44 24.50 -6.32 15.35
C LEU A 44 24.74 -5.70 16.71
N ILE A 45 24.29 -6.36 17.76
CA ILE A 45 24.47 -5.84 19.10
C ILE A 45 25.23 -6.81 19.97
N ILE A 46 26.30 -6.33 20.59
CA ILE A 46 27.13 -7.16 21.45
C ILE A 46 27.33 -6.55 22.83
N PHE A 47 27.27 -7.39 23.86
CA PHE A 47 27.54 -6.97 25.24
C PHE A 47 28.57 -7.92 25.78
N ASN A 48 29.73 -7.41 26.15
CA ASN A 48 30.75 -8.29 26.70
C ASN A 48 30.41 -8.75 28.11
N SER A 49 31.12 -9.76 28.57
CA SER A 49 30.92 -10.31 29.90
C SER A 49 30.69 -9.25 30.98
N SER A 50 31.18 -8.04 30.74
CA SER A 50 31.08 -6.94 31.71
C SER A 50 29.97 -5.96 31.38
N ASN A 51 29.05 -6.37 30.51
CA ASN A 51 27.87 -5.57 30.15
C ASN A 51 28.18 -4.24 29.45
N LYS A 52 29.28 -4.21 28.72
CA LYS A 52 29.61 -3.06 27.91
C LYS A 52 29.13 -3.31 26.48
N LEU A 53 28.81 -2.23 25.77
CA LEU A 53 28.14 -2.33 24.49
C LEU A 53 29.02 -2.08 23.29
N PHE A 54 28.80 -2.88 22.26
CA PHE A 54 29.47 -2.75 20.97
C PHE A 54 28.40 -3.04 19.92
N GLN A 55 28.35 -2.22 18.88
CA GLN A 55 27.30 -2.36 17.89
C GLN A 55 27.79 -2.05 16.49
N TYR A 56 27.30 -2.81 15.52
CA TYR A 56 27.51 -2.49 14.11
C TYR A 56 26.16 -2.40 13.46
N ALA A 57 26.08 -1.60 12.42
CA ALA A 57 24.86 -1.54 11.65
C ALA A 57 25.28 -1.14 10.26
N SER A 58 24.72 -1.81 9.27
CA SER A 58 25.06 -1.52 7.90
C SER A 58 24.68 -0.06 7.62
N THR A 59 23.61 0.40 8.27
CA THR A 59 23.08 1.75 8.08
C THR A 59 22.67 2.51 9.35
N ASP A 60 21.35 2.65 9.54
CA ASP A 60 20.77 3.45 10.62
C ASP A 60 20.27 2.36 11.54
N MET A 61 21.10 2.02 12.51
CA MET A 61 20.78 0.99 13.50
C MET A 61 19.39 1.13 14.14
N ASP A 62 19.08 2.30 14.68
CA ASP A 62 17.77 2.47 15.29
C ASP A 62 16.66 2.28 14.25
N LYS A 63 16.90 2.72 13.03
CA LYS A 63 15.93 2.50 11.97
C LYS A 63 15.63 1.02 11.83
N VAL A 64 16.69 0.21 11.92
CA VAL A 64 16.55 -1.23 11.78
C VAL A 64 15.83 -1.85 12.96
N LEU A 65 16.24 -1.49 14.17
CA LEU A 65 15.56 -2.00 15.35
C LEU A 65 14.08 -1.68 15.27
N LEU A 66 13.78 -0.47 14.84
CA LEU A 66 12.40 -0.06 14.70
C LEU A 66 11.65 -0.97 13.73
N LYS A 67 12.18 -1.16 12.52
CA LYS A 67 11.57 -2.10 11.60
C LYS A 67 11.29 -3.39 12.34
N TYR A 68 12.33 -3.92 13.00
CA TYR A 68 12.22 -5.19 13.68
C TYR A 68 11.00 -5.24 14.56
N THR A 69 10.90 -4.31 15.50
CA THR A 69 9.79 -4.31 16.44
C THR A 69 8.44 -4.37 15.75
N GLU A 70 8.37 -3.81 14.55
CA GLU A 70 7.10 -3.72 13.86
C GLU A 70 6.76 -4.94 13.02
N TYR A 71 7.75 -5.80 12.79
CA TYR A 71 7.53 -7.01 12.00
C TYR A 71 6.46 -7.87 12.64
N ASN A 72 5.59 -8.45 11.83
CA ASN A 72 4.50 -9.22 12.40
C ASN A 72 4.31 -10.62 11.81
N GLU A 73 5.15 -11.00 10.86
CA GLU A 73 5.10 -12.34 10.30
C GLU A 73 6.09 -13.26 11.01
N PRO A 74 5.89 -14.57 10.89
CA PRO A 74 6.91 -15.52 11.34
C PRO A 74 8.12 -15.39 10.44
N HIS A 75 9.27 -15.82 10.94
CA HIS A 75 10.52 -15.61 10.23
C HIS A 75 11.57 -16.46 10.88
N GLU A 76 12.69 -16.64 10.21
CA GLU A 76 13.80 -17.37 10.81
C GLU A 76 14.24 -16.66 12.06
N SER A 77 14.21 -17.37 13.17
CA SER A 77 14.58 -16.83 14.45
C SER A 77 15.45 -17.83 15.20
N ARG A 78 16.74 -17.89 14.84
CA ARG A 78 17.65 -18.85 15.44
C ARG A 78 18.20 -18.41 16.79
N THR A 79 18.71 -19.38 17.53
CA THR A 79 19.28 -19.13 18.85
C THR A 79 20.44 -20.11 18.99
N ASN A 80 21.21 -20.02 20.07
CA ASN A 80 22.43 -20.84 20.15
C ASN A 80 22.16 -22.33 19.96
N SER A 81 21.21 -22.84 20.73
CA SER A 81 20.78 -24.23 20.60
C SER A 81 20.46 -24.59 19.14
N ASP A 82 19.59 -23.81 18.51
CA ASP A 82 19.24 -24.02 17.10
C ASP A 82 20.48 -24.22 16.26
N ILE A 83 21.57 -23.61 16.72
CA ILE A 83 22.80 -23.56 15.94
C ILE A 83 23.64 -24.81 16.22
N VAL A 84 23.91 -25.05 17.50
CA VAL A 84 24.61 -26.26 17.87
C VAL A 84 23.93 -27.45 17.20
N GLU A 85 22.62 -27.58 17.42
CA GLU A 85 21.83 -28.62 16.75
C GLU A 85 22.21 -28.69 15.28
N ALA A 86 21.85 -27.65 14.53
CA ALA A 86 22.15 -27.58 13.10
C ALA A 86 23.56 -28.02 12.74
N LEU A 87 24.50 -27.80 13.65
CA LEU A 87 25.89 -28.18 13.43
C LEU A 87 26.07 -29.68 13.52
N ASN A 88 25.65 -30.23 14.66
CA ASN A 88 25.70 -31.68 14.88
C ASN A 88 25.11 -32.49 13.74
N LYS A 89 24.12 -31.91 13.05
CA LYS A 89 23.54 -32.55 11.87
C LYS A 89 24.58 -32.84 10.79
N LYS A 90 25.73 -32.18 10.89
CA LYS A 90 26.80 -32.38 9.92
C LYS A 90 28.02 -33.09 10.55
N GLY B 1 37.06 -18.66 -1.72
CA GLY B 1 36.62 -19.73 -2.60
C GLY B 1 37.41 -19.82 -3.90
N ARG B 2 36.88 -20.57 -4.86
CA ARG B 2 37.55 -20.75 -6.15
C ARG B 2 38.01 -19.40 -6.71
N LYS B 3 37.12 -18.41 -6.68
CA LYS B 3 37.48 -17.05 -7.08
C LYS B 3 37.36 -16.07 -5.91
N LYS B 4 38.21 -15.05 -5.91
CA LYS B 4 38.07 -13.92 -5.01
C LYS B 4 36.97 -13.01 -5.55
N ILE B 5 36.28 -12.31 -4.67
CA ILE B 5 35.19 -11.46 -5.11
C ILE B 5 35.25 -10.05 -4.52
N GLN B 6 34.76 -9.10 -5.30
CA GLN B 6 34.66 -7.71 -4.87
C GLN B 6 33.34 -7.50 -4.16
N ILE B 7 33.42 -6.96 -2.95
CA ILE B 7 32.24 -6.65 -2.17
C ILE B 7 31.47 -5.66 -3.07
N THR B 8 30.30 -6.10 -3.54
CA THR B 8 29.39 -5.24 -4.30
C THR B 8 28.13 -6.04 -4.59
N ARG B 9 27.01 -5.34 -4.75
CA ARG B 9 25.75 -6.03 -4.92
C ARG B 9 25.86 -7.06 -6.03
N ILE B 10 25.68 -8.33 -5.67
CA ILE B 10 25.54 -9.38 -6.66
C ILE B 10 24.36 -9.01 -7.54
N MET B 11 24.63 -8.74 -8.81
CA MET B 11 23.56 -8.31 -9.70
C MET B 11 22.65 -9.47 -10.07
N ASP B 12 23.22 -10.67 -10.05
CA ASP B 12 22.51 -11.90 -10.41
C ASP B 12 21.52 -12.33 -9.33
N GLU B 13 20.25 -11.96 -9.51
CA GLU B 13 19.20 -12.26 -8.53
C GLU B 13 19.24 -13.65 -7.89
N ARG B 14 19.90 -14.60 -8.55
CA ARG B 14 20.04 -15.94 -8.01
C ARG B 14 21.27 -16.15 -7.14
N ASN B 15 22.46 -15.84 -7.66
CA ASN B 15 23.66 -16.06 -6.87
C ASN B 15 23.59 -15.18 -5.62
N ARG B 16 22.94 -14.04 -5.78
CA ARG B 16 22.66 -13.18 -4.65
C ARG B 16 21.89 -14.00 -3.62
N GLN B 17 20.75 -14.55 -4.04
CA GLN B 17 19.85 -15.28 -3.14
C GLN B 17 20.55 -16.48 -2.51
N VAL B 18 21.48 -17.06 -3.25
CA VAL B 18 22.19 -18.20 -2.75
C VAL B 18 23.24 -17.75 -1.76
N THR B 19 24.07 -16.81 -2.16
CA THR B 19 25.13 -16.31 -1.30
C THR B 19 24.57 -15.82 0.04
N PHE B 20 23.47 -15.08 -0.03
CA PHE B 20 22.78 -14.59 1.16
C PHE B 20 22.58 -15.72 2.15
N THR B 21 21.94 -16.77 1.68
CA THR B 21 21.61 -17.92 2.51
C THR B 21 22.84 -18.56 3.15
N LYS B 22 23.88 -18.72 2.34
CA LYS B 22 25.11 -19.35 2.80
C LYS B 22 25.80 -18.52 3.88
N ARG B 23 26.12 -17.28 3.52
CA ARG B 23 26.86 -16.42 4.41
C ARG B 23 26.07 -16.11 5.68
N LYS B 24 24.76 -15.87 5.52
CA LYS B 24 23.90 -15.63 6.68
C LYS B 24 24.15 -16.67 7.76
N PHE B 25 24.32 -17.92 7.34
CA PHE B 25 24.52 -18.96 8.31
C PHE B 25 25.90 -18.80 8.93
N GLY B 26 26.87 -18.47 8.09
CA GLY B 26 28.24 -18.30 8.56
C GLY B 26 28.24 -17.23 9.63
N LEU B 27 27.62 -16.12 9.29
CA LEU B 27 27.48 -15.01 10.21
C LEU B 27 26.94 -15.50 11.55
N MET B 28 25.78 -16.13 11.53
CA MET B 28 25.19 -16.61 12.76
C MET B 28 26.11 -17.56 13.50
N LYS B 29 26.81 -18.40 12.74
CA LYS B 29 27.70 -19.38 13.36
C LYS B 29 28.76 -18.67 14.17
N LYS B 30 29.44 -17.73 13.52
CA LYS B 30 30.42 -16.89 14.17
C LYS B 30 29.81 -16.30 15.42
N ALA B 31 28.74 -15.53 15.23
CA ALA B 31 28.07 -14.88 16.34
C ALA B 31 27.92 -15.86 17.45
N TYR B 32 27.44 -17.04 17.09
CA TYR B 32 27.26 -18.11 18.05
C TYR B 32 28.56 -18.31 18.84
N GLU B 33 29.64 -18.60 18.13
CA GLU B 33 30.89 -18.93 18.76
C GLU B 33 31.42 -17.78 19.61
N LEU B 34 31.33 -16.56 19.09
CA LEU B 34 31.81 -15.42 19.82
C LEU B 34 31.01 -15.33 21.12
N SER B 35 29.69 -15.32 20.98
CA SER B 35 28.80 -15.37 22.12
C SER B 35 29.34 -16.31 23.20
N VAL B 36 29.80 -17.48 22.77
CA VAL B 36 30.06 -18.56 23.70
C VAL B 36 31.46 -18.46 24.26
N LEU B 37 32.41 -18.32 23.36
CA LEU B 37 33.81 -18.23 23.74
C LEU B 37 34.00 -17.16 24.81
N CYS B 38 33.33 -16.03 24.64
CA CYS B 38 33.66 -14.85 25.45
C CYS B 38 32.56 -14.44 26.42
N ASP B 39 31.55 -15.28 26.58
CA ASP B 39 30.52 -15.04 27.57
C ASP B 39 29.85 -13.71 27.33
N CYS B 40 29.58 -13.40 26.06
CA CYS B 40 28.85 -12.18 25.74
C CYS B 40 27.49 -12.48 25.14
N GLU B 41 26.59 -11.51 25.25
CA GLU B 41 25.25 -11.59 24.68
C GLU B 41 25.18 -10.91 23.31
N ILE B 42 24.67 -11.62 22.31
CA ILE B 42 24.64 -11.08 20.96
C ILE B 42 23.28 -11.15 20.28
N ALA B 43 22.92 -10.07 19.60
CA ALA B 43 21.67 -10.03 18.86
C ALA B 43 21.95 -9.59 17.45
N LEU B 44 21.38 -10.31 16.49
CA LEU B 44 21.65 -10.04 15.09
C LEU B 44 20.36 -9.97 14.32
N ILE B 45 20.15 -8.87 13.64
CA ILE B 45 18.93 -8.66 12.90
C ILE B 45 19.20 -8.38 11.45
N ILE B 46 18.58 -9.15 10.57
CA ILE B 46 18.81 -9.02 9.16
C ILE B 46 17.53 -8.84 8.38
N PHE B 47 17.56 -7.97 7.40
CA PHE B 47 16.45 -7.78 6.49
C PHE B 47 16.95 -7.93 5.07
N ASN B 48 16.46 -8.93 4.34
CA ASN B 48 16.89 -9.10 2.96
C ASN B 48 16.35 -7.99 2.07
N SER B 49 16.88 -7.94 0.84
CA SER B 49 16.47 -6.95 -0.14
C SER B 49 14.96 -6.78 -0.19
N SER B 50 14.24 -7.85 0.14
CA SER B 50 12.79 -7.86 0.07
C SER B 50 12.10 -7.56 1.39
N ASN B 51 12.85 -7.01 2.34
CA ASN B 51 12.32 -6.61 3.66
C ASN B 51 11.75 -7.76 4.47
N LYS B 52 12.33 -8.94 4.30
CA LYS B 52 11.98 -10.09 5.13
C LYS B 52 13.01 -10.26 6.24
N LEU B 53 12.55 -10.74 7.40
CA LEU B 53 13.34 -10.71 8.62
C LEU B 53 13.99 -12.03 8.95
N PHE B 54 15.21 -11.94 9.43
CA PHE B 54 15.95 -13.08 9.92
C PHE B 54 16.69 -12.58 11.13
N GLN B 55 16.68 -13.35 12.20
CA GLN B 55 17.29 -12.90 13.45
C GLN B 55 17.96 -14.04 14.19
N TYR B 56 19.09 -13.72 14.82
CA TYR B 56 19.75 -14.63 15.74
C TYR B 56 19.89 -13.91 17.06
N ALA B 57 19.93 -14.66 18.14
CA ALA B 57 20.24 -14.06 19.43
C ALA B 57 20.83 -15.15 20.29
N SER B 58 21.87 -14.82 21.02
CA SER B 58 22.58 -15.82 21.80
C SER B 58 21.62 -16.27 22.87
N THR B 59 20.73 -15.36 23.27
CA THR B 59 19.79 -15.63 24.37
C THR B 59 18.32 -15.20 24.15
N ASP B 60 17.98 -14.06 24.74
CA ASP B 60 16.60 -13.57 24.78
C ASP B 60 16.65 -12.26 24.04
N MET B 61 16.35 -12.35 22.76
CA MET B 61 16.53 -11.22 21.84
C MET B 61 15.93 -9.95 22.37
N ASP B 62 14.68 -10.02 22.79
CA ASP B 62 14.04 -8.81 23.23
C ASP B 62 14.68 -8.29 24.49
N LYS B 63 15.18 -9.19 25.33
CA LYS B 63 15.94 -8.79 26.50
C LYS B 63 17.16 -7.96 26.10
N VAL B 64 17.83 -8.37 25.04
CA VAL B 64 19.00 -7.65 24.57
C VAL B 64 18.61 -6.30 23.99
N LEU B 65 17.59 -6.28 23.15
CA LEU B 65 17.17 -5.03 22.55
C LEU B 65 16.85 -4.02 23.64
N LEU B 66 16.17 -4.51 24.66
CA LEU B 66 15.85 -3.70 25.82
C LEU B 66 17.07 -3.08 26.53
N LYS B 67 18.04 -3.92 26.91
CA LYS B 67 19.31 -3.43 27.41
C LYS B 67 19.86 -2.33 26.51
N TYR B 68 19.94 -2.63 25.22
CA TYR B 68 20.45 -1.67 24.26
C TYR B 68 19.82 -0.31 24.47
N THR B 69 18.51 -0.24 24.34
CA THR B 69 17.82 1.04 24.36
C THR B 69 18.12 1.82 25.62
N GLU B 70 18.38 1.10 26.70
CA GLU B 70 18.62 1.75 27.97
C GLU B 70 20.05 2.23 28.19
N TYR B 71 20.98 1.73 27.37
CA TYR B 71 22.39 2.08 27.49
C TYR B 71 22.55 3.57 27.33
N ASN B 72 23.39 4.18 28.16
CA ASN B 72 23.55 5.63 28.16
C ASN B 72 24.98 6.16 28.10
N GLU B 73 25.97 5.28 28.04
CA GLU B 73 27.35 5.69 27.81
C GLU B 73 27.73 5.65 26.32
N PRO B 74 28.79 6.37 25.95
CA PRO B 74 29.38 6.17 24.61
C PRO B 74 29.95 4.76 24.51
N HIS B 75 30.11 4.27 23.28
CA HIS B 75 30.52 2.90 23.06
C HIS B 75 30.91 2.75 21.62
N GLU B 76 31.62 1.67 21.29
CA GLU B 76 31.89 1.36 19.89
C GLU B 76 30.61 1.26 19.09
N SER B 77 30.50 2.10 18.09
CA SER B 77 29.32 2.12 17.26
C SER B 77 29.76 2.23 15.81
N ARG B 78 30.13 1.08 15.23
CA ARG B 78 30.58 1.01 13.84
C ARG B 78 29.45 0.96 12.81
N THR B 79 29.80 1.35 11.59
CA THR B 79 28.87 1.36 10.48
C THR B 79 29.68 0.90 9.25
N ASN B 80 29.05 0.75 8.09
CA ASN B 80 29.78 0.23 6.93
C ASN B 80 31.01 1.06 6.56
N SER B 81 30.82 2.35 6.38
CA SER B 81 31.94 3.26 6.18
C SER B 81 33.06 3.02 7.18
N ASP B 82 32.77 3.13 8.48
CA ASP B 82 33.76 2.87 9.52
C ASP B 82 34.58 1.64 9.20
N ILE B 83 33.94 0.72 8.48
CA ILE B 83 34.51 -0.60 8.28
C ILE B 83 35.40 -0.56 7.07
N VAL B 84 34.85 -0.10 5.96
CA VAL B 84 35.62 0.08 4.74
C VAL B 84 36.90 0.84 5.07
N GLU B 85 36.74 2.00 5.67
CA GLU B 85 37.86 2.79 6.17
C GLU B 85 38.92 2.08 7.00
N ALA B 86 38.49 1.38 8.04
CA ALA B 86 39.36 0.51 8.83
C ALA B 86 40.08 -0.54 7.97
N LEU B 87 39.42 -1.00 6.91
CA LEU B 87 40.01 -2.01 6.03
C LEU B 87 41.13 -1.41 5.21
N ASN B 88 40.83 -0.38 4.44
CA ASN B 88 41.81 0.33 3.65
C ASN B 88 43.08 0.67 4.43
N LYS B 89 42.94 0.88 5.74
CA LYS B 89 44.09 1.12 6.60
C LYS B 89 45.10 -0.02 6.54
N LYS B 90 44.65 -1.18 6.06
CA LYS B 90 45.53 -2.33 5.94
C LYS B 90 45.81 -2.68 4.47
N GLY C 1 -6.71 12.98 -9.39
CA GLY C 1 -5.71 13.34 -10.38
C GLY C 1 -4.45 13.90 -9.75
N ARG C 2 -3.58 14.49 -10.59
CA ARG C 2 -2.35 15.08 -10.11
C ARG C 2 -2.61 15.92 -8.86
N LYS C 3 -3.58 16.82 -8.96
CA LYS C 3 -3.97 17.66 -7.83
C LYS C 3 -5.38 17.35 -7.37
N LYS C 4 -5.62 17.50 -6.07
CA LYS C 4 -6.98 17.46 -5.55
C LYS C 4 -7.63 18.80 -5.83
N ILE C 5 -8.96 18.81 -6.00
CA ILE C 5 -9.66 20.04 -6.32
C ILE C 5 -10.88 20.28 -5.44
N GLN C 6 -11.16 21.55 -5.20
CA GLN C 6 -12.33 21.97 -4.44
C GLN C 6 -13.51 22.11 -5.39
N ILE C 7 -14.61 21.47 -5.04
CA ILE C 7 -15.83 21.55 -5.82
C ILE C 7 -16.18 23.04 -5.80
N THR C 8 -16.10 23.68 -6.97
CA THR C 8 -16.50 25.08 -7.14
C THR C 8 -16.36 25.44 -8.61
N ARG C 9 -17.17 26.38 -9.07
CA ARG C 9 -17.21 26.70 -10.48
C ARG C 9 -15.80 26.96 -10.99
N ILE C 10 -15.35 26.13 -11.93
CA ILE C 10 -14.10 26.40 -12.63
C ILE C 10 -14.25 27.75 -13.30
N MET C 11 -13.47 28.72 -12.86
CA MET C 11 -13.58 30.06 -13.41
C MET C 11 -13.01 30.11 -14.82
N ASP C 12 -12.04 29.24 -15.10
CA ASP C 12 -11.40 29.18 -16.40
C ASP C 12 -12.30 28.58 -17.48
N GLU C 13 -12.90 29.45 -18.28
CA GLU C 13 -13.84 29.02 -19.31
C GLU C 13 -13.41 27.79 -20.09
N ARG C 14 -12.12 27.52 -20.12
CA ARG C 14 -11.60 26.40 -20.92
C ARG C 14 -11.52 25.11 -20.11
N ASN C 15 -10.83 25.15 -18.97
CA ASN C 15 -10.73 23.95 -18.17
C ASN C 15 -12.12 23.50 -17.73
N ARG C 16 -13.00 24.47 -17.55
CA ARG C 16 -14.40 24.16 -17.30
C ARG C 16 -14.95 23.33 -18.44
N GLN C 17 -14.84 23.86 -19.66
CA GLN C 17 -15.39 23.20 -20.84
C GLN C 17 -14.78 21.82 -21.01
N VAL C 18 -13.53 21.68 -20.65
CA VAL C 18 -12.83 20.42 -20.78
C VAL C 18 -13.31 19.43 -19.71
N THR C 19 -13.23 19.86 -18.47
CA THR C 19 -13.65 19.01 -17.36
C THR C 19 -15.08 18.53 -17.57
N PHE C 20 -15.95 19.44 -18.02
CA PHE C 20 -17.33 19.09 -18.30
C PHE C 20 -17.40 17.87 -19.18
N THR C 21 -16.73 17.95 -20.30
CA THR C 21 -16.76 16.89 -21.30
C THR C 21 -16.26 15.57 -20.73
N LYS C 22 -15.17 15.62 -19.97
CA LYS C 22 -14.57 14.43 -19.39
C LYS C 22 -15.48 13.76 -18.38
N ARG C 23 -15.87 14.52 -17.36
CA ARG C 23 -16.66 13.98 -16.28
C ARG C 23 -18.04 13.55 -16.77
N LYS C 24 -18.61 14.31 -17.69
CA LYS C 24 -19.90 13.95 -18.24
C LYS C 24 -19.88 12.51 -18.72
N PHE C 25 -18.78 12.13 -19.33
CA PHE C 25 -18.71 10.77 -19.83
C PHE C 25 -18.60 9.80 -18.69
N GLY C 26 -17.81 10.17 -17.69
CA GLY C 26 -17.64 9.34 -16.52
C GLY C 26 -19.00 9.09 -15.88
N LEU C 27 -19.72 10.18 -15.71
CA LEU C 27 -21.07 10.12 -15.18
C LEU C 27 -21.90 9.12 -15.93
N MET C 28 -21.97 9.27 -17.24
CA MET C 28 -22.78 8.38 -18.03
C MET C 28 -22.29 6.94 -17.92
N LYS C 29 -20.98 6.76 -17.86
CA LYS C 29 -20.43 5.41 -17.77
C LYS C 29 -20.93 4.74 -16.51
N LYS C 30 -20.75 5.42 -15.39
CA LYS C 30 -21.28 4.94 -14.12
C LYS C 30 -22.75 4.58 -14.28
N ALA C 31 -23.56 5.56 -14.67
CA ALA C 31 -24.98 5.36 -14.84
C ALA C 31 -25.19 4.08 -15.62
N TYR C 32 -24.41 3.94 -16.67
CA TYR C 32 -24.49 2.76 -17.52
C TYR C 32 -24.32 1.51 -16.65
N GLU C 33 -23.23 1.45 -15.93
CA GLU C 33 -22.88 0.26 -15.16
C GLU C 33 -23.90 -0.02 -14.07
N LEU C 34 -24.34 1.03 -13.38
CA LEU C 34 -25.33 0.87 -12.35
C LEU C 34 -26.60 0.30 -12.96
N SER C 35 -27.06 0.94 -14.03
CA SER C 35 -28.20 0.45 -14.78
C SER C 35 -28.13 -1.05 -15.00
N VAL C 36 -26.95 -1.53 -15.35
CA VAL C 36 -26.77 -2.90 -15.81
C VAL C 36 -26.59 -3.87 -14.66
N LEU C 37 -25.65 -3.55 -13.80
CA LEU C 37 -25.35 -4.36 -12.63
C LEU C 37 -26.61 -4.69 -11.85
N CYS C 38 -27.48 -3.70 -11.69
CA CYS C 38 -28.59 -3.83 -10.77
C CYS C 38 -29.97 -3.88 -11.41
N ASP C 39 -30.01 -4.01 -12.73
CA ASP C 39 -31.27 -4.17 -13.44
C ASP C 39 -32.23 -3.01 -13.16
N CYS C 40 -31.69 -1.80 -13.12
CA CYS C 40 -32.52 -0.63 -12.95
C CYS C 40 -32.53 0.26 -14.19
N GLU C 41 -33.58 1.05 -14.31
CA GLU C 41 -33.75 2.00 -15.40
C GLU C 41 -33.29 3.39 -15.00
N ILE C 42 -32.41 4.00 -15.79
CA ILE C 42 -31.84 5.29 -15.44
C ILE C 42 -31.96 6.36 -16.53
N ALA C 43 -32.28 7.58 -16.13
CA ALA C 43 -32.38 8.68 -17.07
C ALA C 43 -31.59 9.84 -16.51
N LEU C 44 -30.76 10.42 -17.35
CA LEU C 44 -29.88 11.48 -16.91
C LEU C 44 -30.00 12.66 -17.86
N ILE C 45 -30.27 13.83 -17.31
CA ILE C 45 -30.44 15.02 -18.12
C ILE C 45 -29.50 16.11 -17.68
N ILE C 46 -28.73 16.62 -18.62
CA ILE C 46 -27.75 17.66 -18.32
C ILE C 46 -27.92 18.87 -19.21
N PHE C 47 -27.78 20.05 -18.61
CA PHE C 47 -27.79 21.30 -19.36
C PHE C 47 -26.55 22.08 -18.99
N ASN C 48 -25.68 22.35 -19.95
CA ASN C 48 -24.47 23.09 -19.65
C ASN C 48 -24.77 24.55 -19.39
N SER C 49 -23.78 25.24 -18.83
CA SER C 49 -23.91 26.66 -18.54
C SER C 49 -24.63 27.42 -19.63
N SER C 50 -24.53 26.94 -20.87
CA SER C 50 -25.10 27.64 -22.02
C SER C 50 -26.45 27.11 -22.44
N ASN C 51 -27.08 26.35 -21.55
CA ASN C 51 -28.42 25.78 -21.79
C ASN C 51 -28.53 24.83 -22.96
N LYS C 52 -27.46 24.10 -23.23
CA LYS C 52 -27.48 23.06 -24.24
C LYS C 52 -27.69 21.73 -23.55
N LEU C 53 -28.33 20.80 -24.24
CA LEU C 53 -28.79 19.56 -23.65
C LEU C 53 -27.93 18.34 -23.98
N PHE C 54 -27.74 17.51 -22.95
CA PHE C 54 -27.06 16.25 -23.08
C PHE C 54 -27.85 15.27 -22.24
N GLN C 55 -28.10 14.08 -22.76
CA GLN C 55 -28.94 13.12 -22.06
C GLN C 55 -28.44 11.70 -22.24
N TYR C 56 -28.55 10.91 -21.17
CA TYR C 56 -28.34 9.48 -21.23
C TYR C 56 -29.59 8.82 -20.73
N ALA C 57 -29.86 7.61 -21.20
CA ALA C 57 -30.93 6.82 -20.66
C ALA C 57 -30.57 5.37 -20.89
N SER C 58 -30.77 4.55 -19.87
CA SER C 58 -30.40 3.16 -19.97
C SER C 58 -31.24 2.56 -21.10
N THR C 59 -32.48 3.05 -21.23
CA THR C 59 -33.41 2.58 -22.26
C THR C 59 -34.20 3.75 -22.87
N ASP C 60 -35.53 3.59 -22.94
CA ASP C 60 -36.38 4.62 -23.49
C ASP C 60 -36.58 5.77 -22.52
N MET C 61 -35.81 6.84 -22.72
CA MET C 61 -35.83 8.02 -21.87
C MET C 61 -37.22 8.58 -21.59
N ASP C 62 -38.01 8.77 -22.65
CA ASP C 62 -39.32 9.34 -22.46
C ASP C 62 -40.20 8.37 -21.68
N LYS C 63 -40.00 7.09 -21.90
CA LYS C 63 -40.69 6.09 -21.10
C LYS C 63 -40.41 6.27 -19.61
N VAL C 64 -39.16 6.54 -19.28
CA VAL C 64 -38.78 6.76 -17.90
C VAL C 64 -39.38 8.04 -17.36
N LEU C 65 -39.24 9.14 -18.10
CA LEU C 65 -39.78 10.39 -17.64
C LEU C 65 -41.27 10.22 -17.34
N LEU C 66 -41.93 9.50 -18.22
CA LEU C 66 -43.34 9.23 -18.04
C LEU C 66 -43.64 8.50 -16.73
N LYS C 67 -42.98 7.36 -16.52
CA LYS C 67 -43.07 6.68 -15.24
C LYS C 67 -42.93 7.69 -14.12
N TYR C 68 -41.86 8.46 -14.15
CA TYR C 68 -41.57 9.43 -13.12
C TYR C 68 -42.80 10.27 -12.80
N THR C 69 -43.31 10.97 -13.79
CA THR C 69 -44.42 11.89 -13.58
C THR C 69 -45.59 11.20 -12.90
N GLU C 70 -45.76 9.92 -13.18
CA GLU C 70 -46.89 9.21 -12.63
C GLU C 70 -46.71 8.67 -11.21
N TYR C 71 -45.45 8.62 -10.76
CA TYR C 71 -45.14 8.10 -9.42
C TYR C 71 -45.89 8.92 -8.39
N ASN C 72 -46.42 8.24 -7.36
CA ASN C 72 -47.24 8.93 -6.36
C ASN C 72 -46.89 8.63 -4.91
N GLU C 73 -45.88 7.81 -4.67
CA GLU C 73 -45.39 7.59 -3.32
C GLU C 73 -44.21 8.51 -2.99
N PRO C 74 -43.92 8.69 -1.70
CA PRO C 74 -42.67 9.33 -1.30
C PRO C 74 -41.50 8.46 -1.70
N HIS C 75 -40.32 9.05 -1.80
CA HIS C 75 -39.15 8.34 -2.32
C HIS C 75 -37.94 9.19 -2.04
N GLU C 76 -36.76 8.59 -2.17
CA GLU C 76 -35.52 9.34 -2.04
C GLU C 76 -35.48 10.42 -3.10
N SER C 77 -35.36 11.66 -2.65
CA SER C 77 -35.33 12.78 -3.55
C SER C 77 -34.25 13.74 -3.08
N ARG C 78 -33.02 13.43 -3.46
CA ARG C 78 -31.86 14.23 -3.06
C ARG C 78 -31.63 15.46 -3.95
N THR C 79 -30.89 16.41 -3.41
CA THR C 79 -30.56 17.65 -4.09
C THR C 79 -29.15 18.01 -3.67
N ASN C 80 -28.56 19.05 -4.22
CA ASN C 80 -27.15 19.33 -3.92
C ASN C 80 -26.88 19.49 -2.44
N SER C 81 -27.64 20.33 -1.77
CA SER C 81 -27.54 20.50 -0.34
C SER C 81 -27.57 19.15 0.39
N ASP C 82 -28.61 18.36 0.13
CA ASP C 82 -28.72 17.03 0.74
C ASP C 82 -27.39 16.30 0.65
N ILE C 83 -26.64 16.62 -0.39
CA ILE C 83 -25.45 15.85 -0.72
C ILE C 83 -24.28 16.40 0.05
N VAL C 84 -24.05 17.70 -0.08
CA VAL C 84 -23.02 18.37 0.69
C VAL C 84 -23.16 17.96 2.16
N GLU C 85 -24.35 18.18 2.71
CA GLU C 85 -24.65 17.74 4.06
C GLU C 85 -24.21 16.32 4.37
N ALA C 86 -24.70 15.37 3.58
CA ALA C 86 -24.38 13.97 3.75
C ALA C 86 -22.87 13.75 3.72
N LEU C 87 -22.17 14.59 2.96
CA LEU C 87 -20.72 14.48 2.85
C LEU C 87 -20.04 14.91 4.13
N ASN C 88 -20.32 16.13 4.56
CA ASN C 88 -19.78 16.67 5.80
C ASN C 88 -19.95 15.71 6.98
N LYS C 89 -21.00 14.89 6.94
CA LYS C 89 -21.22 13.88 7.98
C LYS C 89 -20.05 12.91 8.07
N LYS C 90 -19.23 12.88 7.04
CA LYS C 90 -18.06 12.00 7.03
C LYS C 90 -16.75 12.79 7.11
N GLY D 1 -12.11 -2.22 -6.74
CA GLY D 1 -12.15 -2.91 -5.46
C GLY D 1 -11.25 -4.12 -5.40
N ARG D 2 -11.37 -4.91 -4.35
CA ARG D 2 -10.55 -6.11 -4.18
C ARG D 2 -10.54 -6.96 -5.46
N LYS D 3 -11.72 -7.16 -6.04
CA LYS D 3 -11.82 -7.87 -7.32
C LYS D 3 -12.39 -6.96 -8.41
N LYS D 4 -11.94 -7.17 -9.63
CA LYS D 4 -12.57 -6.53 -10.78
C LYS D 4 -13.86 -7.29 -11.10
N ILE D 5 -14.84 -6.60 -11.66
CA ILE D 5 -16.14 -7.22 -11.93
C ILE D 5 -16.64 -6.96 -13.35
N GLN D 6 -17.35 -7.93 -13.90
CA GLN D 6 -17.96 -7.80 -15.21
C GLN D 6 -19.34 -7.17 -15.05
N ILE D 7 -19.58 -6.13 -15.84
CA ILE D 7 -20.86 -5.46 -15.81
C ILE D 7 -21.85 -6.54 -16.24
N THR D 8 -22.73 -6.95 -15.32
CA THR D 8 -23.81 -7.89 -15.62
C THR D 8 -24.68 -8.00 -14.38
N ARG D 9 -25.95 -8.34 -14.56
CA ARG D 9 -26.87 -8.35 -13.43
C ARG D 9 -26.34 -9.21 -12.30
N ILE D 10 -26.10 -8.57 -11.15
CA ILE D 10 -25.74 -9.29 -9.95
C ILE D 10 -26.87 -10.25 -9.70
N MET D 11 -26.60 -11.54 -9.80
CA MET D 11 -27.64 -12.53 -9.59
C MET D 11 -28.01 -12.62 -8.12
N ASP D 12 -27.06 -12.31 -7.25
CA ASP D 12 -27.28 -12.39 -5.80
C ASP D 12 -28.16 -11.25 -5.30
N GLU D 13 -29.41 -11.56 -5.04
CA GLU D 13 -30.37 -10.56 -4.61
C GLU D 13 -29.80 -9.57 -3.62
N ARG D 14 -28.87 -10.03 -2.79
CA ARG D 14 -28.36 -9.17 -1.73
C ARG D 14 -27.23 -8.28 -2.19
N ASN D 15 -26.18 -8.85 -2.76
CA ASN D 15 -25.06 -8.03 -3.16
C ASN D 15 -25.56 -7.00 -4.17
N ARG D 16 -26.57 -7.39 -4.93
CA ARG D 16 -27.23 -6.47 -5.85
C ARG D 16 -27.82 -5.31 -5.08
N GLN D 17 -28.63 -5.62 -4.08
CA GLN D 17 -29.26 -4.58 -3.28
C GLN D 17 -28.22 -3.70 -2.59
N VAL D 18 -27.08 -4.29 -2.26
CA VAL D 18 -26.05 -3.53 -1.57
C VAL D 18 -25.32 -2.65 -2.53
N THR D 19 -24.85 -3.25 -3.62
CA THR D 19 -24.12 -2.50 -4.63
C THR D 19 -24.97 -1.34 -5.13
N PHE D 20 -26.26 -1.60 -5.32
CA PHE D 20 -27.15 -0.55 -5.78
C PHE D 20 -27.01 0.66 -4.90
N THR D 21 -27.25 0.45 -3.63
CA THR D 21 -27.22 1.53 -2.68
C THR D 21 -25.90 2.28 -2.74
N LYS D 22 -24.79 1.56 -2.80
CA LYS D 22 -23.45 2.16 -2.76
C LYS D 22 -23.17 3.03 -3.97
N ARG D 23 -23.31 2.44 -5.15
CA ARG D 23 -23.02 3.12 -6.40
C ARG D 23 -24.01 4.23 -6.70
N LYS D 24 -25.28 4.02 -6.36
CA LYS D 24 -26.26 5.09 -6.48
C LYS D 24 -25.75 6.37 -5.81
N PHE D 25 -25.16 6.25 -4.65
CA PHE D 25 -24.64 7.44 -3.99
C PHE D 25 -23.48 8.02 -4.76
N GLY D 26 -22.61 7.14 -5.24
CA GLY D 26 -21.44 7.57 -5.97
C GLY D 26 -21.91 8.36 -7.16
N LEU D 27 -22.91 7.79 -7.84
CA LEU D 27 -23.47 8.39 -9.02
C LEU D 27 -23.94 9.78 -8.68
N MET D 28 -24.75 9.90 -7.64
CA MET D 28 -25.23 11.22 -7.27
C MET D 28 -24.13 12.17 -6.87
N LYS D 29 -23.08 11.66 -6.23
CA LYS D 29 -21.98 12.49 -5.82
C LYS D 29 -21.29 13.11 -7.01
N LYS D 30 -21.00 12.27 -7.99
CA LYS D 30 -20.41 12.73 -9.24
C LYS D 30 -21.32 13.78 -9.83
N ALA D 31 -22.60 13.43 -10.00
CA ALA D 31 -23.56 14.35 -10.59
C ALA D 31 -23.42 15.68 -9.87
N TYR D 32 -23.39 15.59 -8.55
CA TYR D 32 -23.25 16.76 -7.72
C TYR D 32 -22.05 17.59 -8.15
N GLU D 33 -20.88 16.97 -8.20
CA GLU D 33 -19.64 17.68 -8.49
C GLU D 33 -19.62 18.25 -9.91
N LEU D 34 -20.09 17.46 -10.88
CA LEU D 34 -20.15 17.93 -12.24
C LEU D 34 -21.02 19.16 -12.29
N SER D 35 -22.22 19.03 -11.75
CA SER D 35 -23.15 20.16 -11.63
C SER D 35 -22.45 21.44 -11.18
N VAL D 36 -21.57 21.30 -10.20
CA VAL D 36 -20.99 22.43 -9.51
C VAL D 36 -19.76 22.97 -10.20
N LEU D 37 -18.84 22.07 -10.47
CA LEU D 37 -17.62 22.41 -11.18
C LEU D 37 -17.93 23.20 -12.44
N CYS D 38 -18.93 22.76 -13.20
CA CYS D 38 -19.14 23.28 -14.54
C CYS D 38 -20.37 24.15 -14.73
N ASP D 39 -21.03 24.51 -13.64
CA ASP D 39 -22.20 25.38 -13.67
C ASP D 39 -23.33 24.86 -14.56
N CYS D 40 -23.60 23.56 -14.47
CA CYS D 40 -24.64 22.95 -15.28
C CYS D 40 -25.74 22.42 -14.38
N GLU D 41 -26.93 22.28 -14.96
CA GLU D 41 -28.09 21.77 -14.27
C GLU D 41 -28.29 20.30 -14.59
N ILE D 42 -28.43 19.47 -13.57
CA ILE D 42 -28.51 18.01 -13.76
C ILE D 42 -29.71 17.38 -13.09
N ALA D 43 -30.33 16.42 -13.77
CA ALA D 43 -31.45 15.70 -13.20
C ALA D 43 -31.19 14.23 -13.39
N LEU D 44 -31.34 13.47 -12.34
CA LEU D 44 -31.07 12.04 -12.42
C LEU D 44 -32.25 11.25 -11.89
N ILE D 45 -32.73 10.29 -12.67
CA ILE D 45 -33.90 9.52 -12.26
C ILE D 45 -33.59 8.03 -12.29
N ILE D 46 -33.84 7.36 -11.17
CA ILE D 46 -33.53 5.95 -11.07
C ILE D 46 -34.72 5.16 -10.61
N PHE D 47 -34.92 3.99 -11.21
CA PHE D 47 -35.95 3.07 -10.78
C PHE D 47 -35.31 1.72 -10.55
N ASN D 48 -35.35 1.21 -9.32
CA ASN D 48 -34.75 -0.09 -9.06
C ASN D 48 -35.58 -1.22 -9.64
N SER D 49 -34.97 -2.39 -9.71
CA SER D 49 -35.63 -3.58 -10.22
C SER D 49 -37.08 -3.70 -9.77
N SER D 50 -37.44 -3.04 -8.69
CA SER D 50 -38.75 -3.19 -8.08
C SER D 50 -39.62 -1.98 -8.37
N ASN D 51 -39.19 -1.17 -9.33
CA ASN D 51 -39.94 -0.01 -9.78
C ASN D 51 -40.13 1.07 -8.72
N LYS D 52 -39.16 1.17 -7.83
CA LYS D 52 -39.19 2.22 -6.82
C LYS D 52 -38.29 3.34 -7.31
N LEU D 53 -38.61 4.57 -6.92
CA LEU D 53 -37.98 5.76 -7.47
C LEU D 53 -36.94 6.42 -6.57
N PHE D 54 -35.84 6.84 -7.18
CA PHE D 54 -34.79 7.57 -6.51
C PHE D 54 -34.36 8.65 -7.47
N GLN D 55 -34.23 9.87 -6.98
CA GLN D 55 -33.96 11.00 -7.85
C GLN D 55 -32.99 11.97 -7.22
N TYR D 56 -32.10 12.52 -8.04
CA TYR D 56 -31.27 13.63 -7.67
C TYR D 56 -31.52 14.75 -8.66
N ALA D 57 -31.32 15.99 -8.22
CA ALA D 57 -31.37 17.12 -9.12
C ALA D 57 -30.48 18.18 -8.52
N SER D 58 -29.69 18.82 -9.36
CA SER D 58 -28.79 19.84 -8.87
C SER D 58 -29.64 20.95 -8.25
N THR D 59 -30.83 21.14 -8.83
CA THR D 59 -31.73 22.22 -8.41
C THR D 59 -33.22 21.85 -8.32
N ASP D 60 -33.97 22.34 -9.30
CA ASP D 60 -35.42 22.19 -9.34
C ASP D 60 -35.66 21.16 -10.43
N MET D 61 -35.73 19.90 -10.01
CA MET D 61 -35.93 18.78 -10.93
C MET D 61 -37.02 18.92 -11.97
N ASP D 62 -38.22 19.28 -11.54
CA ASP D 62 -39.31 19.44 -12.48
C ASP D 62 -38.98 20.58 -13.44
N LYS D 63 -38.31 21.62 -12.95
CA LYS D 63 -37.89 22.72 -13.82
C LYS D 63 -37.03 22.18 -14.95
N VAL D 64 -36.16 21.25 -14.63
CA VAL D 64 -35.26 20.70 -15.61
C VAL D 64 -36.02 19.82 -16.57
N LEU D 65 -36.87 18.95 -16.04
CA LEU D 65 -37.60 18.06 -16.92
C LEU D 65 -38.39 18.88 -17.88
N LEU D 66 -38.89 20.01 -17.41
CA LEU D 66 -39.68 20.89 -18.26
C LEU D 66 -38.82 21.44 -19.38
N LYS D 67 -37.68 22.04 -19.03
CA LYS D 67 -36.73 22.49 -20.03
C LYS D 67 -36.57 21.37 -21.05
N TYR D 68 -36.28 20.17 -20.56
CA TYR D 68 -36.06 19.05 -21.45
C TYR D 68 -37.14 18.88 -22.51
N THR D 69 -38.37 18.66 -22.07
CA THR D 69 -39.49 18.46 -22.98
C THR D 69 -39.57 19.54 -24.05
N GLU D 70 -39.13 20.74 -23.72
CA GLU D 70 -39.30 21.83 -24.65
C GLU D 70 -38.15 21.98 -25.65
N TYR D 71 -37.03 21.33 -25.36
CA TYR D 71 -35.86 21.37 -26.23
C TYR D 71 -36.24 20.89 -27.62
N ASN D 72 -35.71 21.53 -28.66
CA ASN D 72 -36.10 21.22 -30.02
C ASN D 72 -34.95 21.08 -31.03
N GLU D 73 -33.71 21.21 -30.56
CA GLU D 73 -32.56 20.92 -31.41
C GLU D 73 -32.05 19.50 -31.18
N PRO D 74 -31.29 18.97 -32.14
CA PRO D 74 -30.55 17.74 -31.90
C PRO D 74 -29.49 17.95 -30.81
N HIS D 75 -29.05 16.86 -30.19
CA HIS D 75 -28.16 16.95 -29.05
C HIS D 75 -27.62 15.57 -28.77
N GLU D 76 -26.58 15.51 -27.96
CA GLU D 76 -26.07 14.22 -27.51
C GLU D 76 -27.16 13.47 -26.79
N SER D 77 -27.46 12.28 -27.27
CA SER D 77 -28.48 11.46 -26.69
C SER D 77 -27.99 10.04 -26.62
N ARG D 78 -27.21 9.74 -25.59
CA ARG D 78 -26.61 8.41 -25.41
C ARG D 78 -27.54 7.40 -24.75
N THR D 79 -27.23 6.12 -24.95
CA THR D 79 -28.01 5.04 -24.41
C THR D 79 -27.00 3.95 -24.08
N ASN D 80 -27.43 2.86 -23.46
CA ASN D 80 -26.48 1.86 -23.03
C ASN D 80 -25.59 1.34 -24.14
N SER D 81 -26.20 0.97 -25.26
CA SER D 81 -25.46 0.49 -26.42
C SER D 81 -24.42 1.50 -26.85
N ASP D 82 -24.85 2.75 -27.02
CA ASP D 82 -23.94 3.82 -27.40
C ASP D 82 -22.71 3.77 -26.52
N ILE D 83 -22.91 3.31 -25.29
CA ILE D 83 -21.86 3.38 -24.29
C ILE D 83 -20.93 2.20 -24.43
N VAL D 84 -21.50 1.01 -24.37
CA VAL D 84 -20.72 -0.21 -24.58
C VAL D 84 -19.86 -0.08 -25.83
N GLU D 85 -20.50 0.28 -26.94
CA GLU D 85 -19.77 0.56 -28.17
C GLU D 85 -18.58 1.45 -27.84
N ALA D 86 -18.86 2.70 -27.48
CA ALA D 86 -17.82 3.68 -27.19
C ALA D 86 -16.69 3.09 -26.35
N LEU D 87 -17.04 2.15 -25.47
CA LEU D 87 -16.06 1.54 -24.59
C LEU D 87 -15.14 0.62 -25.38
N ASN D 88 -15.74 -0.33 -26.07
CA ASN D 88 -14.99 -1.26 -26.89
C ASN D 88 -13.99 -0.57 -27.83
N LYS D 89 -14.31 0.66 -28.22
CA LYS D 89 -13.40 1.45 -29.06
C LYS D 89 -12.06 1.67 -28.37
N LYS D 90 -12.03 1.46 -27.06
CA LYS D 90 -10.79 1.61 -26.31
C LYS D 90 -10.25 0.26 -25.81
#